data_4DBE
#
_entry.id   4DBE
#
_cell.length_a   72.414
_cell.length_b   41.536
_cell.length_c   73.117
_cell.angle_alpha   90.00
_cell.angle_beta   94.08
_cell.angle_gamma   90.00
#
_symmetry.space_group_name_H-M   'P 1 21 1'
#
loop_
_entity.id
_entity.type
_entity.pdbx_description
1 polymer "Orotidine 5'-phosphate decarboxylase"
2 non-polymer "6-HYDROXYURIDINE-5'-PHOSPHATE"
3 non-polymer GLYCEROL
4 non-polymer 'SULFATE ION'
5 water water
#
_entity_poly.entity_id   1
_entity_poly.type   'polypeptide(L)'
_entity_poly.pdbx_seq_one_letter_code
;MLKSRVILAMDKPLSYQVLKEMENELYGIKVGLPLVLDLGVDKTRELLIGLDVEEIIVDFKLADIGYIMKSIVERLSFAN
SFIAHSFIGVKGSLDELKRYLDANSKNLYLVAVMSHEGWSTLFADYIKNVIREISPKGIVVGGTKLDHITQYRRDFEKMT
IVSPGMGSQGGSYGDAVCAGADYEIIGRSIYNAGNPLTALRTINKIIEDKVMKCKGAIFRKK
;
_entity_poly.pdbx_strand_id   A,B
#
# COMPACT_ATOMS: atom_id res chain seq x y z
N LEU A 2 -2.40 -30.37 -18.01
CA LEU A 2 -2.43 -28.99 -18.46
C LEU A 2 -1.45 -28.13 -17.65
N LYS A 3 -1.48 -26.82 -17.87
CA LYS A 3 -0.63 -25.91 -17.14
C LYS A 3 -1.38 -25.25 -15.99
N SER A 4 -0.67 -24.99 -14.90
CA SER A 4 -1.25 -24.42 -13.69
C SER A 4 -1.85 -23.03 -13.88
N ARG A 5 -2.95 -22.80 -13.17
CA ARG A 5 -3.60 -21.50 -13.13
C ARG A 5 -3.34 -20.83 -11.78
N VAL A 6 -2.39 -21.38 -11.02
CA VAL A 6 -2.14 -20.88 -9.68
C VAL A 6 -1.00 -19.86 -9.62
N ILE A 7 -1.25 -18.77 -8.91
CA ILE A 7 -0.22 -17.82 -8.54
C ILE A 7 -0.06 -17.97 -7.03
N LEU A 8 1.12 -18.42 -6.61
CA LEU A 8 1.43 -18.57 -5.18
C LEU A 8 1.55 -17.19 -4.55
N ALA A 9 0.76 -16.93 -3.51
CA ALA A 9 0.91 -15.70 -2.77
C ALA A 9 1.96 -15.94 -1.68
N MET A 10 3.21 -15.65 -2.01
CA MET A 10 4.29 -15.85 -1.08
C MET A 10 4.35 -14.69 -0.10
N ASP A 11 3.53 -14.78 0.94
CA ASP A 11 3.47 -13.78 1.99
C ASP A 11 4.28 -14.21 3.21
N LYS A 12 4.84 -15.41 3.10
CA LYS A 12 5.64 -16.04 4.14
C LYS A 12 6.66 -16.89 3.41
N PRO A 13 7.88 -17.00 3.94
CA PRO A 13 8.90 -17.80 3.26
C PRO A 13 8.57 -19.29 3.12
N LEU A 14 8.91 -19.85 1.96
CA LEU A 14 8.97 -21.30 1.79
C LEU A 14 10.41 -21.65 1.44
N SER A 15 10.83 -22.85 1.80
CA SER A 15 12.19 -23.30 1.50
C SER A 15 12.43 -23.31 -0.01
N TYR A 16 13.68 -23.15 -0.41
CA TYR A 16 14.03 -23.23 -1.82
C TYR A 16 13.66 -24.61 -2.38
N GLN A 17 13.85 -25.63 -1.57
CA GLN A 17 13.53 -27.01 -1.96
C GLN A 17 12.10 -27.11 -2.45
N VAL A 18 11.17 -26.69 -1.60
CA VAL A 18 9.75 -26.70 -1.93
C VAL A 18 9.45 -25.83 -3.15
N LEU A 19 9.95 -24.61 -3.14
CA LEU A 19 9.70 -23.69 -4.25
C LEU A 19 10.24 -24.26 -5.55
N LYS A 20 11.39 -24.93 -5.49
CA LYS A 20 11.95 -25.51 -6.69
C LYS A 20 11.00 -26.54 -7.32
N GLU A 21 10.42 -27.41 -6.49
CA GLU A 21 9.44 -28.37 -7.00
C GLU A 21 8.18 -27.68 -7.54
N MET A 22 7.85 -26.52 -6.99
CA MET A 22 6.63 -25.82 -7.36
C MET A 22 6.74 -25.10 -8.71
N GLU A 23 7.96 -24.77 -9.11
CA GLU A 23 8.26 -23.99 -10.31
C GLU A 23 7.40 -24.31 -11.51
N ASN A 24 7.36 -25.59 -11.83
CA ASN A 24 6.76 -26.07 -13.05
C ASN A 24 5.28 -26.39 -12.87
N GLU A 25 4.77 -26.12 -11.66
CA GLU A 25 3.39 -26.44 -11.32
C GLU A 25 2.65 -25.21 -10.79
N LEU A 26 3.14 -24.04 -11.17
CA LEU A 26 2.55 -22.75 -10.83
C LEU A 26 2.58 -21.92 -12.10
N TYR A 27 1.63 -20.99 -12.24
CA TYR A 27 1.79 -19.97 -13.26
C TYR A 27 2.81 -18.94 -12.78
N GLY A 28 2.64 -18.46 -11.55
CA GLY A 28 3.53 -17.43 -11.05
C GLY A 28 3.64 -17.35 -9.54
N ILE A 29 4.40 -16.38 -9.07
CA ILE A 29 4.55 -16.13 -7.64
C ILE A 29 4.25 -14.66 -7.40
N LYS A 30 3.36 -14.40 -6.45
CA LYS A 30 3.11 -13.03 -6.04
C LYS A 30 3.91 -12.78 -4.75
N VAL A 31 4.88 -11.88 -4.84
CA VAL A 31 5.74 -11.58 -3.70
C VAL A 31 5.10 -10.48 -2.87
N GLY A 32 4.84 -10.77 -1.59
CA GLY A 32 4.11 -9.86 -0.74
C GLY A 32 5.02 -9.07 0.18
N LEU A 33 4.50 -7.98 0.73
CA LEU A 33 5.29 -7.11 1.60
C LEU A 33 5.83 -7.82 2.86
N PRO A 34 5.00 -8.64 3.52
CA PRO A 34 5.54 -9.34 4.69
C PRO A 34 6.79 -10.17 4.37
N LEU A 35 6.80 -10.83 3.22
CA LEU A 35 7.98 -11.59 2.80
C LEU A 35 9.21 -10.69 2.63
N VAL A 36 9.04 -9.60 1.89
CA VAL A 36 10.19 -8.72 1.60
C VAL A 36 10.71 -8.06 2.88
N LEU A 37 9.81 -7.71 3.78
CA LEU A 37 10.22 -7.17 5.08
C LEU A 37 11.03 -8.19 5.89
N ASP A 38 10.65 -9.46 5.79
CA ASP A 38 11.35 -10.52 6.53
C ASP A 38 12.74 -10.78 5.94
N LEU A 39 12.79 -10.96 4.62
CA LEU A 39 14.04 -11.35 3.99
C LEU A 39 14.96 -10.19 3.61
N GLY A 40 14.36 -9.03 3.35
CA GLY A 40 15.08 -7.92 2.74
C GLY A 40 15.02 -8.07 1.24
N VAL A 41 15.27 -6.98 0.53
CA VAL A 41 15.21 -6.98 -0.94
C VAL A 41 16.28 -7.88 -1.52
N ASP A 42 17.50 -7.76 -1.02
CA ASP A 42 18.62 -8.55 -1.54
C ASP A 42 18.37 -10.06 -1.47
N LYS A 43 17.92 -10.55 -0.33
CA LYS A 43 17.67 -11.96 -0.19
C LYS A 43 16.39 -12.39 -0.93
N THR A 44 15.42 -11.49 -1.04
CA THR A 44 14.25 -11.80 -1.86
C THR A 44 14.66 -12.03 -3.32
N ARG A 45 15.49 -11.13 -3.85
CA ARG A 45 16.00 -11.25 -5.20
C ARG A 45 16.79 -12.55 -5.37
N GLU A 46 17.65 -12.86 -4.42
CA GLU A 46 18.46 -14.08 -4.48
C GLU A 46 17.55 -15.30 -4.52
N LEU A 47 16.57 -15.33 -3.61
CA LEU A 47 15.60 -16.42 -3.59
C LEU A 47 14.97 -16.66 -4.97
N LEU A 48 14.49 -15.59 -5.60
CA LEU A 48 13.73 -15.73 -6.83
C LEU A 48 14.63 -16.06 -8.03
N ILE A 49 15.87 -15.58 -7.97
CA ILE A 49 16.85 -15.85 -9.02
C ILE A 49 16.99 -17.35 -9.24
N GLY A 50 16.91 -18.12 -8.17
CA GLY A 50 17.02 -19.56 -8.26
C GLY A 50 15.76 -20.25 -8.74
N LEU A 51 14.77 -19.49 -9.15
CA LEU A 51 13.48 -20.06 -9.56
C LEU A 51 13.11 -19.68 -11.00
N ASP A 52 12.32 -20.55 -11.64
CA ASP A 52 11.91 -20.33 -13.02
C ASP A 52 10.40 -20.50 -13.14
N VAL A 53 9.69 -19.37 -13.12
CA VAL A 53 8.24 -19.38 -13.29
C VAL A 53 7.86 -18.38 -14.37
N GLU A 54 6.62 -18.46 -14.84
CA GLU A 54 6.15 -17.59 -15.92
C GLU A 54 6.12 -16.11 -15.54
N GLU A 55 5.63 -15.80 -14.35
CA GLU A 55 5.52 -14.41 -13.93
C GLU A 55 5.83 -14.20 -12.45
N ILE A 56 6.73 -13.28 -12.18
CA ILE A 56 6.98 -12.82 -10.81
C ILE A 56 6.28 -11.47 -10.61
N ILE A 57 5.32 -11.43 -9.69
CA ILE A 57 4.54 -10.24 -9.44
C ILE A 57 4.84 -9.71 -8.07
N VAL A 58 5.34 -8.48 -7.99
CA VAL A 58 5.56 -7.90 -6.68
C VAL A 58 4.33 -7.10 -6.25
N ASP A 59 3.79 -7.45 -5.10
CA ASP A 59 2.53 -6.87 -4.63
C ASP A 59 2.70 -6.13 -3.31
N PHE A 60 2.98 -4.83 -3.42
CA PHE A 60 2.97 -3.95 -2.26
C PHE A 60 1.71 -3.07 -2.24
N LYS A 61 0.70 -3.44 -3.05
CA LYS A 61 -0.57 -2.70 -3.04
C LYS A 61 -0.32 -1.20 -3.20
N LEU A 62 0.51 -0.86 -4.18
CA LEU A 62 0.95 0.52 -4.37
C LEU A 62 -0.22 1.50 -4.38
N ALA A 63 -0.14 2.51 -3.53
CA ALA A 63 -1.24 3.45 -3.35
C ALA A 63 -0.74 4.78 -2.78
N ASP A 64 0.07 5.46 -3.57
CA ASP A 64 0.69 6.68 -3.11
C ASP A 64 0.77 7.67 -4.28
N ILE A 65 1.39 8.82 -4.07
CA ILE A 65 1.67 9.71 -5.18
C ILE A 65 2.64 9.04 -6.12
N GLY A 66 2.67 9.49 -7.37
CA GLY A 66 3.49 8.87 -8.39
C GLY A 66 4.95 8.76 -8.01
N TYR A 67 5.50 9.82 -7.44
CA TYR A 67 6.92 9.84 -7.10
C TYR A 67 7.26 8.67 -6.16
N ILE A 68 6.40 8.46 -5.18
CA ILE A 68 6.67 7.42 -4.18
C ILE A 68 6.45 6.02 -4.78
N MET A 69 5.41 5.83 -5.57
CA MET A 69 5.24 4.52 -6.20
C MET A 69 6.42 4.17 -7.13
N LYS A 70 6.90 5.16 -7.88
CA LYS A 70 8.08 4.95 -8.73
C LYS A 70 9.33 4.63 -7.92
N SER A 71 9.51 5.35 -6.81
CA SER A 71 10.65 5.12 -5.94
C SER A 71 10.64 3.70 -5.39
N ILE A 72 9.45 3.19 -5.10
CA ILE A 72 9.31 1.83 -4.63
C ILE A 72 9.67 0.82 -5.72
N VAL A 73 9.07 0.95 -6.90
CA VAL A 73 9.29 -0.07 -7.91
C VAL A 73 10.70 -0.10 -8.49
N GLU A 74 11.38 1.04 -8.49
CA GLU A 74 12.76 1.07 -8.99
C GLU A 74 13.69 0.20 -8.14
N ARG A 75 13.24 -0.12 -6.93
CA ARG A 75 14.05 -0.89 -6.00
C ARG A 75 13.81 -2.40 -6.14
N LEU A 76 12.90 -2.76 -7.05
CA LEU A 76 12.42 -4.14 -7.15
C LEU A 76 12.48 -4.67 -8.59
N SER A 77 13.58 -4.39 -9.28
CA SER A 77 13.70 -4.73 -10.71
C SER A 77 13.58 -6.21 -11.03
N PHE A 78 13.68 -7.07 -10.02
CA PHE A 78 13.58 -8.51 -10.27
C PHE A 78 12.17 -8.96 -10.66
N ALA A 79 11.18 -8.12 -10.42
CA ALA A 79 9.79 -8.47 -10.75
C ALA A 79 9.51 -8.29 -12.22
N ASN A 80 8.60 -9.09 -12.74
CA ASN A 80 8.08 -8.86 -14.09
C ASN A 80 6.95 -7.84 -14.05
N SER A 81 6.23 -7.81 -12.93
CA SER A 81 4.98 -7.06 -12.84
C SER A 81 4.75 -6.54 -11.44
N PHE A 82 3.92 -5.50 -11.33
CA PHE A 82 3.59 -4.92 -10.03
C PHE A 82 2.09 -4.74 -9.87
N ILE A 83 1.63 -4.82 -8.63
CA ILE A 83 0.24 -4.55 -8.31
C ILE A 83 0.08 -3.16 -7.69
N ALA A 84 -0.89 -2.40 -8.18
CA ALA A 84 -1.26 -1.13 -7.55
C ALA A 84 -2.75 -1.04 -7.39
N HIS A 85 -3.19 -0.13 -6.54
CA HIS A 85 -4.62 0.16 -6.44
C HIS A 85 -5.08 1.05 -7.58
N SER A 86 -6.34 0.89 -7.98
CA SER A 86 -6.95 1.77 -8.97
C SER A 86 -7.59 3.00 -8.32
N PHE A 87 -8.04 2.88 -7.07
CA PHE A 87 -8.84 3.94 -6.46
C PHE A 87 -8.11 5.28 -6.34
N ILE A 88 -6.78 5.22 -6.27
CA ILE A 88 -5.96 6.44 -6.14
C ILE A 88 -6.02 7.36 -7.36
N GLY A 89 -6.47 6.83 -8.50
CA GLY A 89 -6.63 7.66 -9.69
C GLY A 89 -5.38 7.89 -10.53
N VAL A 90 -5.53 8.68 -11.59
CA VAL A 90 -4.52 8.79 -12.64
C VAL A 90 -3.53 9.96 -12.47
N LYS A 91 -4.02 11.20 -12.57
CA LYS A 91 -3.12 12.36 -12.60
C LYS A 91 -2.31 12.55 -11.31
N GLY A 92 -1.00 12.37 -11.42
CA GLY A 92 -0.08 12.58 -10.31
C GLY A 92 0.05 11.35 -9.45
N SER A 93 -0.51 10.25 -9.90
CA SER A 93 -0.39 8.97 -9.19
C SER A 93 -0.14 7.85 -10.18
N LEU A 94 -1.19 7.20 -10.69
CA LEU A 94 -0.99 6.09 -11.64
C LEU A 94 -0.35 6.46 -12.98
N ASP A 95 -0.68 7.64 -13.54
CA ASP A 95 -0.03 8.01 -14.81
C ASP A 95 1.51 7.97 -14.72
N GLU A 96 2.06 8.60 -13.70
CA GLU A 96 3.52 8.54 -13.49
C GLU A 96 4.07 7.11 -13.33
N LEU A 97 3.40 6.31 -12.52
CA LEU A 97 3.81 4.91 -12.36
C LEU A 97 3.76 4.14 -13.68
N LYS A 98 2.63 4.24 -14.38
CA LYS A 98 2.48 3.56 -15.66
C LYS A 98 3.55 3.98 -16.65
N ARG A 99 3.82 5.28 -16.73
CA ARG A 99 4.90 5.75 -17.58
C ARG A 99 6.24 5.10 -17.24
N TYR A 100 6.60 5.11 -15.97
CA TYR A 100 7.84 4.45 -15.57
C TYR A 100 7.85 2.96 -15.87
N LEU A 101 6.79 2.24 -15.51
CA LEU A 101 6.77 0.81 -15.77
C LEU A 101 6.88 0.46 -17.25
N ASP A 102 6.15 1.18 -18.11
CA ASP A 102 6.24 0.97 -19.55
C ASP A 102 7.66 1.23 -20.06
N ALA A 103 8.28 2.29 -19.58
CA ALA A 103 9.65 2.63 -19.97
C ALA A 103 10.61 1.52 -19.59
N ASN A 104 10.29 0.78 -18.54
CA ASN A 104 11.18 -0.28 -18.05
C ASN A 104 10.68 -1.70 -18.31
N SER A 105 9.75 -1.82 -19.24
CA SER A 105 9.23 -3.12 -19.67
C SER A 105 8.70 -3.96 -18.52
N LYS A 106 8.01 -3.32 -17.58
CA LYS A 106 7.38 -4.04 -16.47
C LYS A 106 5.87 -3.98 -16.69
N ASN A 107 5.15 -5.00 -16.24
CA ASN A 107 3.69 -5.01 -16.34
C ASN A 107 3.03 -4.38 -15.13
N LEU A 108 1.81 -3.87 -15.32
CA LEU A 108 1.01 -3.38 -14.21
C LEU A 108 -0.32 -4.15 -14.06
N TYR A 109 -0.67 -4.48 -12.82
CA TYR A 109 -1.98 -4.99 -12.50
C TYR A 109 -2.67 -3.98 -11.58
N LEU A 110 -3.94 -3.71 -11.82
CA LEU A 110 -4.68 -2.80 -10.97
C LEU A 110 -5.73 -3.54 -10.13
N VAL A 111 -5.76 -3.22 -8.84
CA VAL A 111 -6.80 -3.78 -7.97
C VAL A 111 -8.16 -3.19 -8.33
N ALA A 112 -9.05 -4.03 -8.80
CA ALA A 112 -10.39 -3.62 -9.23
C ALA A 112 -11.47 -3.86 -8.17
N VAL A 113 -11.55 -5.09 -7.67
CA VAL A 113 -12.53 -5.43 -6.63
C VAL A 113 -11.81 -6.32 -5.62
N MET A 114 -11.84 -5.94 -4.35
CA MET A 114 -11.15 -6.74 -3.36
C MET A 114 -12.00 -7.90 -2.81
N SER A 115 -11.35 -8.80 -2.07
CA SER A 115 -12.01 -10.05 -1.67
C SER A 115 -12.78 -9.97 -0.36
N HIS A 116 -12.45 -9.00 0.48
CA HIS A 116 -13.11 -8.89 1.78
C HIS A 116 -14.51 -8.27 1.70
N GLU A 117 -15.34 -8.58 2.68
CA GLU A 117 -16.73 -8.17 2.69
C GLU A 117 -16.90 -6.65 2.72
N GLY A 118 -15.96 -5.97 3.38
CA GLY A 118 -16.03 -4.54 3.57
C GLY A 118 -15.66 -3.67 2.38
N TRP A 119 -15.13 -4.26 1.32
CA TRP A 119 -14.85 -3.53 0.09
C TRP A 119 -16.13 -2.98 -0.53
N SER A 120 -16.10 -1.72 -0.96
CA SER A 120 -17.26 -1.11 -1.59
C SER A 120 -17.18 -1.20 -3.11
N THR A 121 -18.29 -1.57 -3.74
CA THR A 121 -18.36 -1.56 -5.20
C THR A 121 -19.14 -0.34 -5.67
N LEU A 122 -19.26 0.64 -4.78
CA LEU A 122 -19.96 1.89 -5.08
C LEU A 122 -19.42 2.63 -6.29
N PHE A 123 -18.13 2.51 -6.56
CA PHE A 123 -17.50 3.35 -7.56
C PHE A 123 -16.93 2.57 -8.74
N ALA A 124 -17.69 1.59 -9.23
CA ALA A 124 -17.23 0.73 -10.32
C ALA A 124 -17.02 1.52 -11.61
N ASP A 125 -17.84 2.54 -11.82
CA ASP A 125 -17.76 3.34 -13.03
C ASP A 125 -16.46 4.13 -13.05
N TYR A 126 -16.12 4.70 -11.90
CA TYR A 126 -14.88 5.45 -11.78
C TYR A 126 -13.67 4.52 -11.87
N ILE A 127 -13.75 3.40 -11.15
CA ILE A 127 -12.69 2.41 -11.15
C ILE A 127 -12.44 1.89 -12.56
N LYS A 128 -13.52 1.62 -13.29
CA LYS A 128 -13.37 1.09 -14.64
C LYS A 128 -12.73 2.10 -15.56
N ASN A 129 -13.08 3.37 -15.36
CA ASN A 129 -12.51 4.44 -16.18
C ASN A 129 -11.02 4.60 -15.91
N VAL A 130 -10.62 4.52 -14.64
CA VAL A 130 -9.22 4.55 -14.28
C VAL A 130 -8.49 3.45 -15.03
N ILE A 131 -9.04 2.24 -14.93
CA ILE A 131 -8.43 1.07 -15.53
C ILE A 131 -8.32 1.22 -17.04
N ARG A 132 -9.42 1.63 -17.65
CA ARG A 132 -9.46 1.81 -19.09
C ARG A 132 -8.44 2.85 -19.52
N GLU A 133 -8.35 3.92 -18.74
CA GLU A 133 -7.38 4.99 -19.01
C GLU A 133 -5.92 4.55 -18.86
N ILE A 134 -5.61 3.87 -17.77
CA ILE A 134 -4.25 3.42 -17.52
C ILE A 134 -3.84 2.30 -18.46
N SER A 135 -4.78 1.41 -18.75
CA SER A 135 -4.55 0.29 -19.67
C SER A 135 -3.48 -0.69 -19.15
N PRO A 136 -3.67 -1.19 -17.92
CA PRO A 136 -2.74 -2.16 -17.35
C PRO A 136 -2.82 -3.51 -18.05
N LYS A 137 -1.79 -4.32 -17.86
CA LYS A 137 -1.81 -5.70 -18.33
C LYS A 137 -2.99 -6.48 -17.73
N GLY A 138 -3.27 -6.23 -16.46
CA GLY A 138 -4.28 -7.02 -15.77
C GLY A 138 -4.94 -6.31 -14.62
N ILE A 139 -5.86 -7.01 -13.97
CA ILE A 139 -6.57 -6.47 -12.83
C ILE A 139 -6.77 -7.58 -11.79
N VAL A 140 -6.98 -7.17 -10.54
CA VAL A 140 -7.25 -8.09 -9.45
C VAL A 140 -8.73 -7.98 -9.11
N VAL A 141 -9.43 -9.11 -9.17
CA VAL A 141 -10.85 -9.17 -8.83
C VAL A 141 -11.11 -10.37 -7.92
N GLY A 142 -11.59 -10.09 -6.71
CA GLY A 142 -11.72 -11.10 -5.68
C GLY A 142 -12.44 -12.35 -6.17
N GLY A 143 -11.89 -13.51 -5.81
CA GLY A 143 -12.51 -14.78 -6.14
C GLY A 143 -13.72 -15.08 -5.28
N THR A 144 -13.96 -14.22 -4.29
CA THR A 144 -15.15 -14.28 -3.45
C THR A 144 -16.26 -13.41 -4.04
N LYS A 145 -15.97 -12.77 -5.16
CA LYS A 145 -16.90 -11.86 -5.83
C LYS A 145 -17.11 -12.31 -7.27
N LEU A 146 -17.64 -13.52 -7.45
CA LEU A 146 -17.66 -14.15 -8.77
C LEU A 146 -18.42 -13.34 -9.83
N ASP A 147 -19.48 -12.65 -9.40
CA ASP A 147 -20.29 -11.87 -10.34
C ASP A 147 -19.49 -10.68 -10.83
N HIS A 148 -18.65 -10.13 -9.97
CA HIS A 148 -17.75 -9.06 -10.42
C HIS A 148 -16.72 -9.59 -11.40
N ILE A 149 -16.22 -10.80 -11.17
CA ILE A 149 -15.28 -11.40 -12.11
C ILE A 149 -15.89 -11.50 -13.51
N THR A 150 -17.10 -12.06 -13.59
CA THR A 150 -17.77 -12.18 -14.87
C THR A 150 -18.04 -10.81 -15.48
N GLN A 151 -18.48 -9.85 -14.67
CA GLN A 151 -18.72 -8.50 -15.17
C GLN A 151 -17.45 -7.87 -15.75
N TYR A 152 -16.35 -7.94 -15.00
CA TYR A 152 -15.08 -7.37 -15.48
C TYR A 152 -14.54 -8.04 -16.73
N ARG A 153 -14.78 -9.34 -16.87
CA ARG A 153 -14.30 -10.07 -18.05
C ARG A 153 -15.08 -9.63 -19.29
N ARG A 154 -16.35 -9.33 -19.09
CA ARG A 154 -17.17 -8.80 -20.17
C ARG A 154 -16.66 -7.41 -20.57
N ASP A 155 -16.44 -6.55 -19.57
CA ASP A 155 -16.02 -5.18 -19.81
C ASP A 155 -14.55 -5.04 -20.22
N PHE A 156 -13.78 -6.11 -20.08
CA PHE A 156 -12.35 -6.06 -20.40
C PHE A 156 -11.87 -7.41 -20.95
N GLU A 157 -12.21 -7.69 -22.20
CA GLU A 157 -12.00 -9.01 -22.78
C GLU A 157 -10.54 -9.49 -22.85
N LYS A 158 -9.61 -8.56 -23.06
CA LYS A 158 -8.22 -8.96 -23.28
C LYS A 158 -7.35 -8.78 -22.03
N MET A 159 -7.99 -8.37 -20.94
CA MET A 159 -7.32 -8.15 -19.67
C MET A 159 -6.97 -9.47 -18.98
N THR A 160 -5.79 -9.54 -18.37
CA THR A 160 -5.44 -10.67 -17.51
C THR A 160 -6.14 -10.41 -16.17
N ILE A 161 -6.92 -11.38 -15.69
CA ILE A 161 -7.65 -11.20 -14.45
C ILE A 161 -7.10 -12.18 -13.44
N VAL A 162 -6.66 -11.67 -12.28
CA VAL A 162 -6.14 -12.55 -11.22
C VAL A 162 -7.03 -12.43 -10.01
N SER A 163 -7.31 -13.56 -9.38
CA SER A 163 -8.33 -13.60 -8.34
C SER A 163 -7.86 -14.30 -7.06
N PRO A 164 -7.75 -13.53 -5.98
CA PRO A 164 -7.39 -14.06 -4.66
C PRO A 164 -8.64 -14.29 -3.80
N GLY A 165 -8.48 -14.92 -2.63
CA GLY A 165 -9.60 -15.20 -1.73
C GLY A 165 -10.01 -16.64 -1.81
N MET A 166 -9.13 -17.47 -2.37
N MET A 166 -9.14 -17.47 -2.39
CA MET A 166 -9.36 -18.90 -2.52
CA MET A 166 -9.41 -18.90 -2.53
C MET A 166 -8.87 -19.65 -1.30
C MET A 166 -8.83 -19.71 -1.36
N GLY A 167 -9.63 -20.66 -0.88
CA GLY A 167 -9.26 -21.45 0.28
C GLY A 167 -9.58 -20.74 1.57
N SER A 168 -8.56 -20.17 2.20
N SER A 168 -8.56 -20.17 2.20
CA SER A 168 -8.71 -19.52 3.49
CA SER A 168 -8.71 -19.51 3.48
C SER A 168 -9.90 -18.57 3.57
C SER A 168 -9.91 -18.58 3.56
N GLN A 169 -10.04 -17.71 2.56
CA GLN A 169 -11.09 -16.70 2.59
C GLN A 169 -12.48 -17.18 2.14
N GLY A 170 -12.54 -18.38 1.57
CA GLY A 170 -13.83 -19.01 1.30
C GLY A 170 -14.06 -19.42 -0.14
N GLY A 171 -13.28 -18.88 -1.07
CA GLY A 171 -13.47 -19.20 -2.46
C GLY A 171 -13.11 -20.66 -2.72
N SER A 172 -13.94 -21.35 -3.48
CA SER A 172 -13.68 -22.75 -3.80
C SER A 172 -12.82 -22.82 -5.05
N TYR A 173 -11.72 -23.56 -5.00
CA TYR A 173 -10.73 -23.54 -6.09
C TYR A 173 -11.31 -23.78 -7.47
N GLY A 174 -11.01 -22.88 -8.40
CA GLY A 174 -11.53 -23.02 -9.75
C GLY A 174 -12.75 -22.17 -10.06
N ASP A 175 -13.50 -21.76 -9.03
CA ASP A 175 -14.70 -20.97 -9.26
C ASP A 175 -14.38 -19.65 -9.94
N ALA A 176 -13.24 -19.05 -9.58
CA ALA A 176 -12.87 -17.77 -10.17
C ALA A 176 -12.50 -17.95 -11.64
N VAL A 177 -11.71 -18.96 -11.94
CA VAL A 177 -11.38 -19.24 -13.33
C VAL A 177 -12.67 -19.52 -14.11
N CYS A 178 -13.57 -20.30 -13.52
CA CYS A 178 -14.86 -20.59 -14.16
C CYS A 178 -15.66 -19.32 -14.41
N ALA A 179 -15.56 -18.37 -13.50
CA ALA A 179 -16.31 -17.13 -13.64
C ALA A 179 -15.65 -16.09 -14.57
N GLY A 180 -14.45 -16.41 -15.06
CA GLY A 180 -13.77 -15.55 -16.01
C GLY A 180 -12.32 -15.17 -15.73
N ALA A 181 -11.82 -15.44 -14.53
CA ALA A 181 -10.42 -15.11 -14.21
C ALA A 181 -9.45 -15.98 -15.00
N ASP A 182 -8.24 -15.48 -15.23
CA ASP A 182 -7.19 -16.30 -15.82
C ASP A 182 -6.44 -17.13 -14.78
N TYR A 183 -6.20 -16.54 -13.61
CA TYR A 183 -5.38 -17.16 -12.58
C TYR A 183 -5.98 -16.93 -11.21
N GLU A 184 -5.78 -17.89 -10.31
CA GLU A 184 -6.23 -17.74 -8.93
C GLU A 184 -5.02 -17.59 -8.03
N ILE A 185 -5.09 -16.59 -7.15
CA ILE A 185 -4.01 -16.29 -6.22
C ILE A 185 -4.28 -17.04 -4.93
N ILE A 186 -3.31 -17.83 -4.47
CA ILE A 186 -3.55 -18.65 -3.28
C ILE A 186 -2.36 -18.57 -2.33
N GLY A 187 -2.63 -18.22 -1.07
CA GLY A 187 -1.57 -18.02 -0.09
C GLY A 187 -1.58 -19.10 0.99
N ARG A 188 -2.24 -18.80 2.09
CA ARG A 188 -2.24 -19.69 3.27
C ARG A 188 -2.58 -21.16 3.02
N SER A 189 -3.51 -21.44 2.10
CA SER A 189 -3.94 -22.82 1.89
C SER A 189 -2.79 -23.65 1.32
N ILE A 190 -1.80 -22.98 0.74
CA ILE A 190 -0.59 -23.66 0.29
C ILE A 190 0.53 -23.54 1.33
N TYR A 191 0.93 -22.32 1.67
CA TYR A 191 2.16 -22.16 2.47
C TYR A 191 2.07 -22.54 3.95
N ASN A 192 0.86 -22.57 4.50
CA ASN A 192 0.65 -23.05 5.86
C ASN A 192 0.23 -24.52 5.95
N ALA A 193 0.08 -25.18 4.79
CA ALA A 193 -0.25 -26.60 4.76
C ALA A 193 0.87 -27.44 5.36
N GLY A 194 0.53 -28.62 5.88
CA GLY A 194 1.54 -29.50 6.43
C GLY A 194 2.57 -29.81 5.35
N ASN A 195 2.09 -30.01 4.14
CA ASN A 195 2.96 -30.21 3.00
C ASN A 195 2.49 -29.29 1.87
N PRO A 196 3.14 -28.13 1.71
CA PRO A 196 2.71 -27.14 0.71
C PRO A 196 2.75 -27.69 -0.70
N LEU A 197 3.66 -28.63 -0.96
CA LEU A 197 3.73 -29.20 -2.30
C LEU A 197 2.50 -30.05 -2.60
N THR A 198 2.14 -30.92 -1.66
CA THR A 198 0.93 -31.73 -1.82
C THR A 198 -0.28 -30.83 -1.94
N ALA A 199 -0.31 -29.77 -1.12
CA ALA A 199 -1.41 -28.81 -1.22
C ALA A 199 -1.56 -28.24 -2.62
N LEU A 200 -0.45 -27.78 -3.21
CA LEU A 200 -0.46 -27.26 -4.57
C LEU A 200 -0.92 -28.29 -5.61
N ARG A 201 -0.42 -29.52 -5.50
CA ARG A 201 -0.78 -30.55 -6.45
C ARG A 201 -2.27 -30.92 -6.37
N THR A 202 -2.80 -30.94 -5.16
CA THR A 202 -4.22 -31.18 -4.93
C THR A 202 -5.07 -30.07 -5.54
N ILE A 203 -4.65 -28.83 -5.29
CA ILE A 203 -5.40 -27.67 -5.79
C ILE A 203 -5.38 -27.66 -7.32
N ASN A 204 -4.24 -27.98 -7.91
CA ASN A 204 -4.17 -27.99 -9.36
C ASN A 204 -5.15 -29.00 -9.93
N LYS A 205 -5.32 -30.12 -9.23
CA LYS A 205 -6.28 -31.14 -9.67
C LYS A 205 -7.71 -30.63 -9.58
N ILE A 206 -8.07 -30.07 -8.43
CA ILE A 206 -9.39 -29.50 -8.22
C ILE A 206 -9.72 -28.47 -9.30
N ILE A 207 -8.79 -27.56 -9.57
CA ILE A 207 -9.02 -26.53 -10.57
C ILE A 207 -9.24 -27.12 -11.96
N GLU A 208 -8.42 -28.09 -12.32
CA GLU A 208 -8.60 -28.83 -13.57
C GLU A 208 -10.02 -29.42 -13.66
N ASP A 209 -10.43 -30.11 -12.60
CA ASP A 209 -11.77 -30.71 -12.57
C ASP A 209 -12.86 -29.65 -12.70
N LYS A 210 -12.78 -28.59 -11.90
CA LYS A 210 -13.80 -27.56 -11.90
C LYS A 210 -14.00 -26.95 -13.28
N VAL A 211 -12.90 -26.65 -13.95
CA VAL A 211 -12.94 -25.97 -15.25
C VAL A 211 -13.63 -26.83 -16.30
N MET A 212 -13.47 -28.15 -16.19
CA MET A 212 -14.11 -29.03 -17.15
C MET A 212 -15.64 -29.03 -16.97
N LYS A 213 -16.11 -29.17 -15.74
CA LYS A 213 -17.55 -29.12 -15.46
C LYS A 213 -18.11 -27.74 -15.82
N CYS A 214 -17.22 -26.75 -15.78
CA CYS A 214 -17.50 -25.36 -16.14
C CYS A 214 -18.11 -25.21 -17.52
N LYS B 3 7.65 25.54 18.88
CA LYS B 3 7.75 24.09 18.77
C LYS B 3 7.29 23.61 17.39
N SER B 4 8.03 22.66 16.82
CA SER B 4 7.82 22.25 15.43
C SER B 4 6.46 21.59 15.14
N ARG B 5 5.91 21.89 13.97
CA ARG B 5 4.72 21.22 13.45
C ARG B 5 5.07 20.29 12.29
N VAL B 6 6.36 20.10 12.04
CA VAL B 6 6.81 19.32 10.90
C VAL B 6 6.95 17.82 11.22
N ILE B 7 6.38 16.99 10.36
CA ILE B 7 6.68 15.57 10.39
C ILE B 7 7.56 15.29 9.17
N LEU B 8 8.78 14.86 9.43
CA LEU B 8 9.72 14.56 8.34
C LEU B 8 9.29 13.28 7.65
N ALA B 9 9.00 13.36 6.36
CA ALA B 9 8.72 12.17 5.58
C ALA B 9 10.05 11.56 5.13
N MET B 10 10.58 10.63 5.93
CA MET B 10 11.82 9.95 5.58
C MET B 10 11.57 8.92 4.53
N ASP B 11 11.62 9.31 3.26
CA ASP B 11 11.41 8.39 2.15
C ASP B 11 12.71 8.01 1.48
N LYS B 12 13.81 8.58 1.96
CA LYS B 12 15.16 8.19 1.60
C LYS B 12 15.99 8.29 2.87
N PRO B 13 17.12 7.57 2.93
CA PRO B 13 17.93 7.60 4.14
C PRO B 13 18.54 8.98 4.40
N LEU B 14 18.61 9.34 5.69
CA LEU B 14 19.44 10.45 6.14
C LEU B 14 20.33 9.89 7.25
N SER B 15 21.49 10.50 7.44
CA SER B 15 22.43 10.02 8.44
C SER B 15 21.89 10.20 9.84
N TYR B 16 22.29 9.30 10.72
CA TYR B 16 22.07 9.42 12.15
C TYR B 16 22.55 10.79 12.63
N GLN B 17 23.74 11.18 12.18
CA GLN B 17 24.29 12.49 12.53
C GLN B 17 23.29 13.63 12.35
N VAL B 18 22.68 13.71 11.17
CA VAL B 18 21.70 14.75 10.83
C VAL B 18 20.41 14.61 11.63
N LEU B 19 19.88 13.39 11.67
CA LEU B 19 18.65 13.12 12.40
C LEU B 19 18.77 13.51 13.88
N LYS B 20 19.93 13.25 14.49
CA LYS B 20 20.12 13.64 15.88
C LYS B 20 20.02 15.14 16.08
N GLU B 21 20.46 15.93 15.09
CA GLU B 21 20.30 17.37 15.20
C GLU B 21 18.88 17.77 14.89
N MET B 22 18.21 16.99 14.05
CA MET B 22 16.83 17.28 13.70
C MET B 22 15.84 16.91 14.78
N GLU B 23 16.21 15.99 15.66
CA GLU B 23 15.22 15.39 16.58
C GLU B 23 14.51 16.45 17.44
N ASN B 24 15.25 17.48 17.83
CA ASN B 24 14.68 18.52 18.68
C ASN B 24 13.99 19.66 17.92
N GLU B 25 13.91 19.52 16.59
CA GLU B 25 13.30 20.53 15.73
C GLU B 25 12.27 19.93 14.77
N LEU B 26 11.69 18.80 15.18
CA LEU B 26 10.62 18.13 14.44
C LEU B 26 9.58 17.68 15.43
N TYR B 27 8.34 17.56 14.97
CA TYR B 27 7.32 16.89 15.77
C TYR B 27 7.53 15.38 15.68
N GLY B 28 7.62 14.88 14.45
CA GLY B 28 7.76 13.45 14.24
C GLY B 28 8.44 13.04 12.94
N ILE B 29 8.52 11.74 12.73
CA ILE B 29 9.13 11.19 11.53
C ILE B 29 8.17 10.16 10.94
N LYS B 30 7.89 10.29 9.65
CA LYS B 30 7.07 9.30 8.94
C LYS B 30 8.01 8.41 8.14
N VAL B 31 8.04 7.13 8.50
CA VAL B 31 8.91 6.17 7.81
C VAL B 31 8.24 5.69 6.51
N GLY B 32 8.87 5.96 5.38
CA GLY B 32 8.34 5.53 4.10
C GLY B 32 8.88 4.17 3.66
N LEU B 33 8.18 3.54 2.72
CA LEU B 33 8.59 2.24 2.23
C LEU B 33 9.95 2.22 1.53
N PRO B 34 10.26 3.24 0.71
CA PRO B 34 11.58 3.17 0.06
C PRO B 34 12.74 3.12 1.07
N LEU B 35 12.59 3.89 2.15
CA LEU B 35 13.58 3.86 3.24
C LEU B 35 13.79 2.44 3.76
N VAL B 36 12.69 1.76 4.10
CA VAL B 36 12.78 0.44 4.72
C VAL B 36 13.29 -0.60 3.72
N LEU B 37 12.93 -0.44 2.46
CA LEU B 37 13.49 -1.33 1.43
C LEU B 37 15.00 -1.14 1.35
N ASP B 38 15.45 0.10 1.47
CA ASP B 38 16.87 0.41 1.38
C ASP B 38 17.66 -0.12 2.58
N LEU B 39 17.19 0.20 3.78
CA LEU B 39 17.95 -0.13 4.99
C LEU B 39 17.63 -1.52 5.53
N GLY B 40 16.43 -2.02 5.23
CA GLY B 40 15.94 -3.23 5.86
C GLY B 40 15.26 -2.86 7.17
N VAL B 41 14.41 -3.74 7.68
CA VAL B 41 13.67 -3.41 8.91
C VAL B 41 14.60 -3.24 10.11
N ASP B 42 15.57 -4.15 10.25
CA ASP B 42 16.40 -4.13 11.44
C ASP B 42 17.25 -2.87 11.56
N LYS B 43 17.77 -2.38 10.44
CA LYS B 43 18.57 -1.17 10.49
C LYS B 43 17.68 0.06 10.60
N THR B 44 16.46 -0.02 10.07
CA THR B 44 15.48 1.04 10.27
C THR B 44 15.21 1.21 11.76
N ARG B 45 14.92 0.10 12.43
CA ARG B 45 14.73 0.08 13.89
C ARG B 45 15.87 0.76 14.61
N GLU B 46 17.08 0.28 14.31
CA GLU B 46 18.28 0.81 14.93
C GLU B 46 18.42 2.30 14.73
N LEU B 47 18.11 2.78 13.52
CA LEU B 47 18.29 4.19 13.21
C LEU B 47 17.32 5.06 13.99
N LEU B 48 16.08 4.60 14.10
CA LEU B 48 15.00 5.44 14.59
C LEU B 48 14.73 5.33 16.09
N ILE B 49 14.86 4.13 16.64
CA ILE B 49 14.66 4.00 18.08
C ILE B 49 15.73 4.82 18.80
N GLY B 50 16.89 4.96 18.16
CA GLY B 50 17.95 5.80 18.65
C GLY B 50 17.67 7.29 18.57
N LEU B 51 16.41 7.66 18.27
CA LEU B 51 16.01 9.07 18.11
C LEU B 51 14.95 9.51 19.11
N ASP B 52 14.90 10.81 19.39
CA ASP B 52 13.99 11.35 20.39
C ASP B 52 12.99 12.33 19.79
N VAL B 53 11.92 11.79 19.20
CA VAL B 53 10.85 12.61 18.68
C VAL B 53 9.54 12.16 19.30
N GLU B 54 8.52 12.98 19.17
CA GLU B 54 7.23 12.69 19.79
C GLU B 54 6.53 11.48 19.17
N GLU B 55 6.63 11.35 17.85
CA GLU B 55 5.89 10.30 17.18
C GLU B 55 6.62 9.75 15.96
N ILE B 56 6.71 8.43 15.90
CA ILE B 56 7.21 7.76 14.70
C ILE B 56 6.03 7.06 14.04
N ILE B 57 5.76 7.44 12.80
CA ILE B 57 4.65 6.88 12.05
C ILE B 57 5.20 6.04 10.90
N VAL B 58 4.81 4.79 10.84
CA VAL B 58 5.25 3.95 9.73
C VAL B 58 4.17 4.08 8.68
N ASP B 59 4.58 4.47 7.47
CA ASP B 59 3.63 4.70 6.37
C ASP B 59 3.93 3.83 5.16
N PHE B 60 3.29 2.67 5.11
CA PHE B 60 3.32 1.81 3.93
C PHE B 60 1.94 1.82 3.25
N LYS B 61 1.15 2.87 3.50
CA LYS B 61 -0.13 3.05 2.82
C LYS B 61 -0.96 1.77 2.88
N LEU B 62 -1.04 1.19 4.08
CA LEU B 62 -1.68 -0.11 4.25
C LEU B 62 -3.02 -0.19 3.53
N ALA B 63 -3.17 -1.21 2.70
CA ALA B 63 -4.35 -1.30 1.84
C ALA B 63 -4.56 -2.74 1.36
N ASP B 64 -4.87 -3.63 2.29
CA ASP B 64 -4.94 -5.03 1.98
C ASP B 64 -6.02 -5.64 2.85
N ILE B 65 -6.14 -6.96 2.83
CA ILE B 65 -7.02 -7.62 3.78
C ILE B 65 -6.41 -7.52 5.19
N GLY B 66 -7.23 -7.76 6.20
CA GLY B 66 -6.80 -7.58 7.58
C GLY B 66 -5.57 -8.41 7.91
N TYR B 67 -5.59 -9.67 7.51
CA TYR B 67 -4.53 -10.61 7.84
C TYR B 67 -3.16 -10.09 7.38
N ILE B 68 -3.12 -9.57 6.16
CA ILE B 68 -1.88 -9.07 5.58
C ILE B 68 -1.46 -7.75 6.21
N MET B 69 -2.40 -6.84 6.41
CA MET B 69 -2.06 -5.58 7.07
C MET B 69 -1.51 -5.80 8.49
N LYS B 70 -2.15 -6.69 9.24
CA LYS B 70 -1.63 -7.04 10.56
C LYS B 70 -0.23 -7.66 10.51
N SER B 71 0.00 -8.53 9.52
CA SER B 71 1.30 -9.17 9.34
C SER B 71 2.38 -8.13 9.12
N ILE B 72 2.04 -7.09 8.36
CA ILE B 72 2.95 -6.00 8.08
C ILE B 72 3.30 -5.21 9.33
N VAL B 73 2.28 -4.75 10.07
CA VAL B 73 2.56 -3.87 11.20
C VAL B 73 3.22 -4.62 12.37
N GLU B 74 2.95 -5.92 12.50
CA GLU B 74 3.57 -6.68 13.57
C GLU B 74 5.09 -6.69 13.37
N ARG B 75 5.53 -6.43 12.15
CA ARG B 75 6.96 -6.44 11.86
C ARG B 75 7.66 -5.10 12.15
N LEU B 76 6.86 -4.06 12.38
CA LEU B 76 7.39 -2.73 12.64
C LEU B 76 6.80 -2.10 13.90
N SER B 77 6.63 -2.92 14.93
CA SER B 77 5.95 -2.48 16.15
C SER B 77 6.71 -1.49 17.02
N PHE B 78 7.96 -1.20 16.71
CA PHE B 78 8.66 -0.12 17.39
C PHE B 78 7.97 1.23 17.15
N ALA B 79 7.28 1.36 16.03
CA ALA B 79 6.63 2.63 15.68
C ALA B 79 5.44 2.92 16.61
N ASN B 80 5.11 4.19 16.75
CA ASN B 80 3.95 4.57 17.55
C ASN B 80 2.65 4.49 16.76
N SER B 81 2.73 4.75 15.46
CA SER B 81 1.53 4.94 14.66
C SER B 81 1.70 4.35 13.27
N PHE B 82 0.58 4.04 12.62
CA PHE B 82 0.59 3.51 11.27
C PHE B 82 -0.46 4.19 10.41
N ILE B 83 -0.13 4.39 9.13
CA ILE B 83 -1.07 4.96 8.17
C ILE B 83 -1.67 3.85 7.31
N ALA B 84 -3.00 3.86 7.19
CA ALA B 84 -3.70 2.97 6.27
C ALA B 84 -4.67 3.76 5.39
N HIS B 85 -5.04 3.20 4.25
CA HIS B 85 -6.07 3.82 3.43
C HIS B 85 -7.45 3.56 4.00
N SER B 86 -8.32 4.56 3.87
CA SER B 86 -9.70 4.38 4.32
C SER B 86 -10.55 3.73 3.22
N PHE B 87 -10.13 3.90 1.97
CA PHE B 87 -10.96 3.41 0.87
C PHE B 87 -11.28 1.91 0.94
N ILE B 88 -10.33 1.13 1.42
CA ILE B 88 -10.47 -0.33 1.42
C ILE B 88 -11.66 -0.83 2.24
N GLY B 89 -12.21 0.02 3.10
CA GLY B 89 -13.38 -0.35 3.87
C GLY B 89 -13.12 -1.09 5.17
N VAL B 90 -14.20 -1.40 5.87
CA VAL B 90 -14.11 -1.87 7.25
C VAL B 90 -14.02 -3.38 7.40
N LYS B 91 -15.14 -4.09 7.18
CA LYS B 91 -15.21 -5.52 7.47
C LYS B 91 -14.17 -6.37 6.75
N GLY B 92 -13.32 -7.04 7.53
CA GLY B 92 -12.31 -7.92 6.97
C GLY B 92 -11.04 -7.20 6.57
N SER B 93 -11.00 -5.89 6.79
CA SER B 93 -9.82 -5.11 6.43
C SER B 93 -9.43 -4.19 7.59
N LEU B 94 -9.98 -2.98 7.60
CA LEU B 94 -9.63 -2.02 8.63
C LEU B 94 -10.07 -2.46 10.04
N ASP B 95 -11.17 -3.18 10.13
CA ASP B 95 -11.64 -3.58 11.45
C ASP B 95 -10.62 -4.47 12.17
N GLU B 96 -10.06 -5.43 11.45
CA GLU B 96 -9.04 -6.31 12.01
C GLU B 96 -7.76 -5.55 12.39
N LEU B 97 -7.36 -4.63 11.53
CA LEU B 97 -6.19 -3.80 11.79
C LEU B 97 -6.37 -2.93 13.02
N LYS B 98 -7.51 -2.26 13.12
CA LYS B 98 -7.77 -1.35 14.23
C LYS B 98 -7.76 -2.12 15.54
N ARG B 99 -8.42 -3.27 15.54
CA ARG B 99 -8.42 -4.12 16.72
C ARG B 99 -7.01 -4.48 17.15
N TYR B 100 -6.18 -4.92 16.19
CA TYR B 100 -4.82 -5.29 16.49
C TYR B 100 -4.03 -4.09 16.99
N LEU B 101 -4.17 -2.96 16.31
CA LEU B 101 -3.46 -1.75 16.75
C LEU B 101 -3.90 -1.31 18.15
N ASP B 102 -5.20 -1.36 18.43
CA ASP B 102 -5.69 -1.02 19.76
C ASP B 102 -5.07 -1.94 20.82
N ALA B 103 -5.13 -3.24 20.57
CA ALA B 103 -4.57 -4.21 21.50
C ALA B 103 -3.11 -3.93 21.83
N ASN B 104 -2.44 -3.20 20.94
CA ASN B 104 -1.01 -2.93 21.15
C ASN B 104 -0.70 -1.45 21.41
N SER B 105 -1.73 -0.68 21.75
CA SER B 105 -1.54 0.73 22.06
C SER B 105 -0.87 1.50 20.92
N LYS B 106 -1.24 1.15 19.68
CA LYS B 106 -0.73 1.87 18.52
C LYS B 106 -1.81 2.79 17.97
N ASN B 107 -1.40 3.90 17.36
CA ASN B 107 -2.32 4.81 16.71
C ASN B 107 -2.49 4.47 15.24
N LEU B 108 -3.70 4.67 14.74
CA LEU B 108 -4.02 4.47 13.33
C LEU B 108 -4.33 5.82 12.70
N TYR B 109 -3.71 6.10 11.55
CA TYR B 109 -4.11 7.24 10.73
C TYR B 109 -4.70 6.72 9.42
N LEU B 110 -5.83 7.28 8.99
CA LEU B 110 -6.42 6.89 7.73
C LEU B 110 -6.23 7.97 6.69
N VAL B 111 -5.86 7.58 5.48
CA VAL B 111 -5.76 8.52 4.36
C VAL B 111 -7.19 8.96 3.97
N ALA B 112 -7.48 10.24 4.12
CA ALA B 112 -8.83 10.75 3.88
C ALA B 112 -8.95 11.44 2.52
N VAL B 113 -8.05 12.39 2.27
CA VAL B 113 -7.98 13.09 0.99
C VAL B 113 -6.51 13.21 0.54
N MET B 114 -6.20 12.63 -0.61
CA MET B 114 -4.80 12.64 -1.06
C MET B 114 -4.46 13.93 -1.80
N SER B 115 -3.17 14.23 -1.89
CA SER B 115 -2.72 15.54 -2.31
C SER B 115 -2.66 15.75 -3.83
N HIS B 116 -2.66 14.67 -4.59
CA HIS B 116 -2.47 14.77 -6.03
C HIS B 116 -3.78 15.13 -6.75
N GLU B 117 -3.65 15.50 -8.01
CA GLU B 117 -4.78 16.00 -8.78
C GLU B 117 -5.79 14.90 -9.04
N GLY B 118 -5.28 13.70 -9.29
CA GLY B 118 -6.11 12.56 -9.67
C GLY B 118 -6.97 11.98 -8.56
N TRP B 119 -6.84 12.48 -7.34
CA TRP B 119 -7.69 11.98 -6.25
C TRP B 119 -9.12 12.45 -6.41
N SER B 120 -10.05 11.50 -6.49
CA SER B 120 -11.45 11.82 -6.77
C SER B 120 -12.20 12.30 -5.54
N THR B 121 -13.04 13.31 -5.72
CA THR B 121 -13.93 13.75 -4.64
C THR B 121 -15.18 12.86 -4.60
N LEU B 122 -15.33 11.99 -5.58
CA LEU B 122 -16.48 11.10 -5.65
C LEU B 122 -16.69 10.29 -4.37
N PHE B 123 -15.62 9.81 -3.73
CA PHE B 123 -15.85 8.99 -2.54
C PHE B 123 -15.86 9.73 -1.20
N ALA B 124 -15.87 11.06 -1.24
CA ALA B 124 -15.83 11.87 -0.02
C ALA B 124 -16.78 11.41 1.11
N ASP B 125 -18.01 11.07 0.76
CA ASP B 125 -19.00 10.69 1.77
C ASP B 125 -18.73 9.28 2.31
N TYR B 126 -18.36 8.38 1.42
CA TYR B 126 -18.04 7.02 1.80
C TYR B 126 -16.84 7.01 2.75
N ILE B 127 -15.80 7.76 2.38
CA ILE B 127 -14.60 7.87 3.22
C ILE B 127 -14.94 8.40 4.60
N LYS B 128 -15.71 9.48 4.66
CA LYS B 128 -16.10 10.05 5.95
C LYS B 128 -16.77 9.00 6.84
N ASN B 129 -17.69 8.22 6.27
CA ASN B 129 -18.35 7.14 6.98
C ASN B 129 -17.37 6.08 7.51
N VAL B 130 -16.46 5.64 6.66
CA VAL B 130 -15.45 4.68 7.11
C VAL B 130 -14.67 5.26 8.29
N ILE B 131 -14.29 6.53 8.19
CA ILE B 131 -13.54 7.16 9.26
C ILE B 131 -14.34 7.22 10.57
N ARG B 132 -15.63 7.54 10.46
CA ARG B 132 -16.46 7.58 11.67
C ARG B 132 -16.58 6.18 12.27
N GLU B 133 -16.75 5.18 11.42
CA GLU B 133 -16.88 3.81 11.89
C GLU B 133 -15.61 3.30 12.58
N ILE B 134 -14.45 3.65 12.01
CA ILE B 134 -13.18 3.16 12.57
C ILE B 134 -12.70 4.00 13.74
N SER B 135 -12.94 5.32 13.68
CA SER B 135 -12.52 6.23 14.74
C SER B 135 -11.00 6.18 15.01
N PRO B 136 -10.20 6.49 13.98
CA PRO B 136 -8.74 6.46 14.12
C PRO B 136 -8.23 7.64 14.91
N LYS B 137 -6.99 7.58 15.37
CA LYS B 137 -6.38 8.71 16.04
C LYS B 137 -6.33 9.93 15.11
N GLY B 138 -6.02 9.69 13.84
CA GLY B 138 -5.83 10.79 12.91
C GLY B 138 -6.21 10.47 11.47
N ILE B 139 -6.11 11.48 10.62
CA ILE B 139 -6.39 11.30 9.21
C ILE B 139 -5.34 12.05 8.41
N VAL B 140 -5.18 11.65 7.16
CA VAL B 140 -4.25 12.30 6.27
C VAL B 140 -5.09 13.09 5.28
N VAL B 141 -4.87 14.40 5.25
CA VAL B 141 -5.63 15.28 4.37
C VAL B 141 -4.64 16.17 3.63
N GLY B 142 -4.61 16.07 2.31
CA GLY B 142 -3.62 16.79 1.51
C GLY B 142 -3.54 18.28 1.77
N GLY B 143 -2.32 18.77 1.96
CA GLY B 143 -2.07 20.19 2.16
C GLY B 143 -2.25 21.02 0.90
N THR B 144 -2.47 20.34 -0.22
CA THR B 144 -2.80 20.99 -1.49
C THR B 144 -4.32 21.09 -1.60
N LYS B 145 -5.02 20.64 -0.57
CA LYS B 145 -6.49 20.62 -0.55
C LYS B 145 -6.98 21.34 0.69
N LEU B 146 -6.68 22.63 0.77
CA LEU B 146 -6.87 23.40 1.99
C LEU B 146 -8.32 23.45 2.46
N ASP B 147 -9.24 23.52 1.50
CA ASP B 147 -10.67 23.56 1.83
C ASP B 147 -11.12 22.24 2.45
N HIS B 148 -10.52 21.15 2.00
CA HIS B 148 -10.82 19.83 2.56
C HIS B 148 -10.33 19.71 4.00
N ILE B 149 -9.14 20.25 4.27
CA ILE B 149 -8.61 20.29 5.62
C ILE B 149 -9.60 20.97 6.57
N THR B 150 -10.02 22.18 6.21
CA THR B 150 -10.96 22.95 7.00
C THR B 150 -12.27 22.20 7.23
N GLN B 151 -12.85 21.69 6.15
CA GLN B 151 -14.06 20.88 6.24
C GLN B 151 -13.88 19.68 7.17
N TYR B 152 -12.79 18.94 6.99
CA TYR B 152 -12.53 17.77 7.81
C TYR B 152 -12.28 18.12 9.28
N ARG B 153 -11.69 19.28 9.51
CA ARG B 153 -11.45 19.75 10.87
C ARG B 153 -12.77 19.99 11.60
N ARG B 154 -13.72 20.59 10.89
CA ARG B 154 -15.05 20.85 11.45
C ARG B 154 -15.75 19.53 11.72
N ASP B 155 -15.68 18.62 10.76
CA ASP B 155 -16.32 17.31 10.88
C ASP B 155 -15.73 16.45 12.00
N PHE B 156 -14.41 16.53 12.20
CA PHE B 156 -13.75 15.70 13.19
C PHE B 156 -12.85 16.52 14.11
N GLU B 157 -13.45 17.42 14.88
CA GLU B 157 -12.70 18.39 15.67
C GLU B 157 -11.65 17.76 16.61
N LYS B 158 -11.85 16.50 17.00
CA LYS B 158 -10.97 15.87 17.97
C LYS B 158 -9.84 15.07 17.34
N MET B 159 -9.86 14.96 16.01
CA MET B 159 -8.91 14.11 15.31
C MET B 159 -7.60 14.84 14.97
N THR B 160 -6.51 14.10 14.95
CA THR B 160 -5.25 14.65 14.46
C THR B 160 -5.26 14.65 12.95
N ILE B 161 -4.96 15.80 12.36
CA ILE B 161 -4.89 15.92 10.92
C ILE B 161 -3.45 16.18 10.52
N VAL B 162 -2.94 15.34 9.64
CA VAL B 162 -1.60 15.54 9.11
C VAL B 162 -1.71 15.78 7.61
N SER B 163 -0.87 16.68 7.10
CA SER B 163 -1.03 17.14 5.73
C SER B 163 0.26 17.16 4.93
N PRO B 164 0.35 16.28 3.93
CA PRO B 164 1.49 16.22 3.00
C PRO B 164 1.22 17.08 1.78
N GLY B 165 2.23 17.23 0.92
CA GLY B 165 2.09 18.01 -0.30
C GLY B 165 2.68 19.41 -0.17
N MET B 166 3.47 19.62 0.88
CA MET B 166 4.06 20.91 1.18
C MET B 166 5.46 21.01 0.59
N GLY B 167 5.71 22.08 -0.14
CA GLY B 167 6.99 22.25 -0.81
C GLY B 167 6.96 21.71 -2.22
N SER B 168 7.49 20.50 -2.39
N SER B 168 7.48 20.50 -2.41
CA SER B 168 7.60 19.88 -3.71
CA SER B 168 7.60 19.91 -3.74
C SER B 168 6.29 19.85 -4.50
C SER B 168 6.27 19.91 -4.50
N GLN B 169 5.19 19.51 -3.84
CA GLN B 169 3.91 19.42 -4.52
C GLN B 169 3.16 20.76 -4.65
N GLY B 170 3.70 21.81 -4.06
CA GLY B 170 3.20 23.16 -4.31
C GLY B 170 2.53 23.82 -3.13
N GLY B 171 2.39 23.07 -2.03
CA GLY B 171 1.84 23.63 -0.82
C GLY B 171 2.81 24.58 -0.17
N SER B 172 2.27 25.68 0.37
CA SER B 172 3.08 26.70 1.02
C SER B 172 3.12 26.44 2.52
N TYR B 173 4.32 26.25 3.05
CA TYR B 173 4.50 25.80 4.42
C TYR B 173 3.67 26.63 5.40
N GLY B 174 2.84 25.96 6.19
CA GLY B 174 2.01 26.63 7.17
C GLY B 174 0.56 26.77 6.74
N ASP B 175 0.32 26.88 5.43
CA ASP B 175 -1.06 26.99 4.92
C ASP B 175 -1.94 25.85 5.40
N ALA B 176 -1.37 24.65 5.46
CA ALA B 176 -2.11 23.47 5.91
C ALA B 176 -2.48 23.61 7.38
N VAL B 177 -1.52 23.98 8.22
CA VAL B 177 -1.81 24.21 9.63
C VAL B 177 -2.89 25.29 9.79
N CYS B 178 -2.72 26.41 9.08
CA CYS B 178 -3.68 27.50 9.13
C CYS B 178 -5.07 27.07 8.69
N ALA B 179 -5.15 26.16 7.72
CA ALA B 179 -6.44 25.61 7.31
C ALA B 179 -7.00 24.67 8.37
N GLY B 180 -6.19 24.32 9.36
CA GLY B 180 -6.68 23.54 10.49
C GLY B 180 -6.04 22.18 10.70
N ALA B 181 -4.94 21.92 10.00
CA ALA B 181 -4.16 20.71 10.24
C ALA B 181 -3.28 20.90 11.46
N ASP B 182 -2.99 19.81 12.16
CA ASP B 182 -2.07 19.85 13.30
C ASP B 182 -0.62 19.86 12.84
N TYR B 183 -0.29 18.95 11.93
CA TYR B 183 1.09 18.82 11.46
C TYR B 183 1.19 18.78 9.96
N GLU B 184 2.34 19.22 9.45
CA GLU B 184 2.61 19.14 8.03
C GLU B 184 3.71 18.12 7.76
N ILE B 185 3.46 17.28 6.77
CA ILE B 185 4.37 16.23 6.36
C ILE B 185 5.21 16.77 5.22
N ILE B 186 6.54 16.68 5.37
CA ILE B 186 7.45 17.26 4.39
C ILE B 186 8.62 16.34 4.10
N GLY B 187 8.79 15.99 2.83
CA GLY B 187 9.85 15.07 2.43
C GLY B 187 10.99 15.71 1.66
N ARG B 188 10.89 15.71 0.33
CA ARG B 188 11.97 16.13 -0.55
C ARG B 188 12.53 17.51 -0.22
N SER B 189 11.64 18.45 0.09
CA SER B 189 12.04 19.80 0.46
C SER B 189 13.11 19.83 1.57
N ILE B 190 13.15 18.78 2.38
CA ILE B 190 14.15 18.66 3.45
C ILE B 190 15.26 17.68 3.09
N TYR B 191 14.90 16.42 2.81
CA TYR B 191 15.94 15.39 2.64
C TYR B 191 16.75 15.52 1.36
N ASN B 192 16.20 16.20 0.36
CA ASN B 192 16.95 16.47 -0.87
C ASN B 192 17.64 17.84 -0.86
N ALA B 193 17.41 18.63 0.18
CA ALA B 193 18.06 19.94 0.27
C ALA B 193 19.57 19.80 0.38
N GLY B 194 20.29 20.81 -0.07
CA GLY B 194 21.73 20.80 0.04
C GLY B 194 22.12 20.59 1.49
N ASN B 195 21.40 21.27 2.38
CA ASN B 195 21.63 21.13 3.81
C ASN B 195 20.29 20.90 4.48
N PRO B 196 19.93 19.63 4.66
CA PRO B 196 18.61 19.35 5.21
C PRO B 196 18.34 20.06 6.54
N LEU B 197 19.36 20.20 7.39
CA LEU B 197 19.16 20.88 8.66
C LEU B 197 18.77 22.33 8.44
N THR B 198 19.48 23.01 7.55
CA THR B 198 19.13 24.39 7.22
C THR B 198 17.71 24.47 6.68
N ALA B 199 17.38 23.56 5.76
CA ALA B 199 16.04 23.52 5.19
C ALA B 199 14.95 23.42 6.26
N LEU B 200 15.13 22.51 7.20
CA LEU B 200 14.17 22.31 8.28
C LEU B 200 14.02 23.56 9.13
N ARG B 201 15.15 24.15 9.52
CA ARG B 201 15.13 25.38 10.30
C ARG B 201 14.46 26.52 9.55
N THR B 202 14.76 26.63 8.26
CA THR B 202 14.09 27.62 7.43
C THR B 202 12.58 27.37 7.37
N ILE B 203 12.18 26.12 7.17
CA ILE B 203 10.77 25.77 7.11
C ILE B 203 10.04 26.04 8.44
N ASN B 204 10.66 25.65 9.54
CA ASN B 204 10.10 25.91 10.87
C ASN B 204 9.84 27.41 11.09
N LYS B 205 10.78 28.23 10.62
CA LYS B 205 10.63 29.68 10.71
C LYS B 205 9.43 30.16 9.91
N ILE B 206 9.32 29.67 8.68
CA ILE B 206 8.19 30.03 7.82
C ILE B 206 6.85 29.59 8.39
N ILE B 207 6.82 28.41 9.02
CA ILE B 207 5.57 27.91 9.57
C ILE B 207 5.13 28.74 10.78
N GLU B 208 6.09 29.01 11.66
CA GLU B 208 5.85 29.82 12.83
C GLU B 208 5.30 31.20 12.47
N ASP B 209 5.94 31.86 11.51
CA ASP B 209 5.48 33.17 11.05
C ASP B 209 4.02 33.11 10.58
N LYS B 210 3.71 32.14 9.72
CA LYS B 210 2.36 31.99 9.17
C LYS B 210 1.33 31.70 10.26
N VAL B 211 1.65 30.77 11.15
CA VAL B 211 0.74 30.38 12.22
C VAL B 211 0.43 31.59 13.11
N MET B 212 1.44 32.38 13.42
CA MET B 212 1.24 33.58 14.22
C MET B 212 0.28 34.59 13.57
N LYS B 213 0.19 34.56 12.24
CA LYS B 213 -0.72 35.45 11.53
C LYS B 213 -2.14 34.90 11.41
N CYS B 214 -2.24 33.62 11.09
CA CYS B 214 -3.56 33.00 10.92
C CYS B 214 -4.24 32.73 12.25
N LYS B 215 -3.43 32.53 13.29
CA LYS B 215 -3.94 32.34 14.64
C LYS B 215 -4.68 33.58 15.12
#